data_2BC8
#
_entry.id   2BC8
#
_entity_poly.entity_id   1
_entity_poly.type   'polypeptide(L)'
_entity_poly.pdbx_seq_one_letter_code
;GUUSDPRUAWRU
;
_entity_poly.pdbx_strand_id   A
#
# COMPACT_ATOMS: atom_id res chain seq x y z
N GLY A 1 6.34 1.63 -1.43
CA GLY A 1 6.33 3.06 -1.22
C GLY A 1 4.94 3.59 -0.97
N SEC A 2 3.96 3.04 -1.65
CA SEC A 2 2.57 3.43 -1.50
C SEC A 2 1.92 2.46 -0.53
N SEC A 3 2.55 2.28 0.61
CA SEC A 3 2.07 1.32 1.57
C SEC A 3 1.17 1.96 2.62
N SER A 4 0.82 3.21 2.40
CA SER A 4 -0.01 3.98 3.33
C SER A 4 -1.51 3.84 3.05
N ASP A 5 -1.93 2.72 2.48
CA ASP A 5 -3.35 2.48 2.20
C ASP A 5 -3.63 0.98 2.21
N PRO A 6 -4.77 0.54 2.76
CA PRO A 6 -5.13 -0.87 2.83
C PRO A 6 -5.08 -1.58 1.46
N ARG A 7 -5.33 -0.82 0.39
CA ARG A 7 -5.31 -1.37 -0.96
C ARG A 7 -4.04 -1.02 -1.69
N SEC A 8 -3.07 -0.59 -0.94
CA SEC A 8 -1.80 -0.20 -1.49
C SEC A 8 -0.70 -0.84 -0.65
N ALA A 9 -1.09 -1.32 0.53
CA ALA A 9 -0.16 -2.00 1.41
C ALA A 9 0.32 -3.24 0.71
N TRP A 10 -0.63 -3.95 0.11
CA TRP A 10 -0.30 -5.13 -0.67
C TRP A 10 -0.01 -4.73 -2.10
N ARG A 11 0.61 -3.57 -2.24
CA ARG A 11 0.99 -3.01 -3.53
C ARG A 11 2.36 -2.34 -3.41
N SEC A 12 2.83 -2.20 -2.17
CA SEC A 12 4.11 -1.57 -1.89
C SEC A 12 5.24 -2.59 -1.93
N GLY A 1 6.21 2.09 -1.98
CA GLY A 1 6.12 3.53 -1.78
C GLY A 1 4.74 3.95 -1.31
N SEC A 2 3.73 3.28 -1.81
CA SEC A 2 2.36 3.54 -1.43
C SEC A 2 1.99 2.54 -0.36
N SEC A 3 2.72 2.58 0.72
CA SEC A 3 2.51 1.61 1.78
C SEC A 3 1.60 2.15 2.88
N SER A 4 0.92 3.25 2.60
CA SER A 4 0.04 3.88 3.58
C SER A 4 -1.45 3.78 3.24
N ASP A 5 -1.87 2.70 2.59
CA ASP A 5 -3.29 2.50 2.26
C ASP A 5 -3.60 1.01 2.16
N PRO A 6 -4.77 0.56 2.63
CA PRO A 6 -5.16 -0.86 2.60
C PRO A 6 -5.04 -1.48 1.20
N ARG A 7 -5.32 -0.69 0.17
CA ARG A 7 -5.24 -1.16 -1.22
C ARG A 7 -3.88 -0.87 -1.80
N SEC A 8 -2.98 -0.57 -0.92
CA SEC A 8 -1.63 -0.24 -1.28
C SEC A 8 -0.66 -1.06 -0.46
N ALA A 9 -1.14 -1.58 0.66
CA ALA A 9 -0.32 -2.43 1.53
C ALA A 9 0.07 -3.66 0.75
N TRP A 10 -0.86 -4.14 -0.06
CA TRP A 10 -0.58 -5.27 -0.92
C TRP A 10 -0.17 -4.78 -2.30
N ARG A 11 0.58 -3.69 -2.30
CA ARG A 11 1.09 -3.07 -3.51
C ARG A 11 2.54 -2.65 -3.27
N SEC A 12 2.84 -2.26 -2.03
CA SEC A 12 4.17 -1.84 -1.63
C SEC A 12 5.02 -3.04 -1.23
N GLY A 1 5.71 2.01 -2.04
CA GLY A 1 5.80 3.45 -1.88
C GLY A 1 4.54 4.04 -1.29
N SEC A 2 3.40 3.50 -1.69
CA SEC A 2 2.11 3.94 -1.18
C SEC A 2 1.70 3.03 -0.03
N SEC A 3 2.68 2.59 0.73
CA SEC A 3 2.48 1.65 1.83
C SEC A 3 1.58 2.20 2.94
N SER A 4 1.07 3.38 2.74
CA SER A 4 0.18 4.01 3.71
C SER A 4 -1.30 3.92 3.30
N ASP A 5 -1.66 2.82 2.64
CA ASP A 5 -3.04 2.60 2.21
C ASP A 5 -3.36 1.11 2.15
N PRO A 6 -4.57 0.70 2.56
CA PRO A 6 -4.99 -0.72 2.58
C PRO A 6 -4.84 -1.45 1.23
N ARG A 7 -5.15 -0.79 0.12
CA ARG A 7 -5.05 -1.44 -1.19
C ARG A 7 -3.63 -1.33 -1.72
N SEC A 8 -2.91 -0.48 -1.09
CA SEC A 8 -1.54 -0.21 -1.43
C SEC A 8 -0.63 -1.12 -0.63
N ALA A 9 -1.15 -1.58 0.50
CA ALA A 9 -0.41 -2.47 1.38
C ALA A 9 -0.09 -3.73 0.61
N TRP A 10 -1.00 -4.11 -0.27
CA TRP A 10 -0.78 -5.26 -1.11
C TRP A 10 -0.19 -4.85 -2.45
N ARG A 11 0.52 -3.73 -2.42
CA ARG A 11 1.20 -3.17 -3.58
C ARG A 11 2.67 -2.90 -3.21
N SEC A 12 2.87 -2.44 -1.97
CA SEC A 12 4.21 -2.15 -1.45
C SEC A 12 4.84 -3.41 -0.87
N GLY A 1 6.31 2.09 -1.41
CA GLY A 1 6.13 3.53 -1.34
C GLY A 1 4.68 3.91 -1.11
N SEC A 2 3.78 3.15 -1.72
CA SEC A 2 2.35 3.38 -1.57
C SEC A 2 1.81 2.48 -0.48
N SEC A 3 2.52 2.47 0.64
CA SEC A 3 2.17 1.61 1.76
C SEC A 3 1.27 2.36 2.76
N SER A 4 0.89 3.56 2.39
CA SER A 4 0.05 4.40 3.25
C SER A 4 -1.43 4.16 3.00
N ASP A 5 -1.76 3.00 2.45
CA ASP A 5 -3.15 2.64 2.17
C ASP A 5 -3.29 1.12 2.22
N PRO A 6 -4.29 0.60 2.96
CA PRO A 6 -4.51 -0.84 3.09
C PRO A 6 -4.72 -1.52 1.75
N ARG A 7 -5.39 -0.85 0.84
CA ARG A 7 -5.63 -1.38 -0.48
C ARG A 7 -4.31 -1.42 -1.24
N SEC A 8 -3.48 -0.44 -0.95
CA SEC A 8 -2.18 -0.29 -1.60
C SEC A 8 -1.12 -1.06 -0.85
N ALA A 9 -1.52 -1.73 0.21
CA ALA A 9 -0.59 -2.53 1.00
C ALA A 9 -0.09 -3.70 0.17
N TRP A 10 -0.83 -4.03 -0.88
CA TRP A 10 -0.44 -5.12 -1.75
C TRP A 10 0.60 -4.61 -2.73
N ARG A 11 0.70 -3.28 -2.80
CA ARG A 11 1.63 -2.62 -3.67
C ARG A 11 3.03 -2.66 -3.07
N SEC A 12 3.09 -2.45 -1.76
CA SEC A 12 4.35 -2.46 -1.03
C SEC A 12 4.69 -3.88 -0.54
N GLY A 1 6.24 2.18 -1.85
CA GLY A 1 6.08 3.61 -1.67
C GLY A 1 4.67 3.97 -1.26
N SEC A 2 3.70 3.25 -1.79
CA SEC A 2 2.31 3.46 -1.46
C SEC A 2 1.94 2.46 -0.39
N SEC A 3 2.69 2.50 0.68
CA SEC A 3 2.50 1.54 1.76
C SEC A 3 1.61 2.08 2.87
N SER A 4 0.99 3.21 2.62
CA SER A 4 0.13 3.85 3.62
C SER A 4 -1.36 3.80 3.23
N ASP A 5 -1.79 2.72 2.60
CA ASP A 5 -3.20 2.57 2.20
C ASP A 5 -3.58 1.09 2.14
N PRO A 6 -4.78 0.72 2.63
CA PRO A 6 -5.26 -0.66 2.64
C PRO A 6 -5.18 -1.38 1.28
N ARG A 7 -5.42 -0.65 0.20
CA ARG A 7 -5.36 -1.23 -1.14
C ARG A 7 -4.03 -0.91 -1.79
N SEC A 8 -3.08 -0.69 -0.94
CA SEC A 8 -1.74 -0.35 -1.35
C SEC A 8 -0.74 -1.12 -0.50
N ALA A 9 -1.20 -1.66 0.62
CA ALA A 9 -0.35 -2.45 1.50
C ALA A 9 0.11 -3.67 0.73
N TRP A 10 -0.78 -4.20 -0.08
CA TRP A 10 -0.45 -5.32 -0.94
C TRP A 10 -0.05 -4.81 -2.31
N ARG A 11 0.66 -3.70 -2.31
CA ARG A 11 1.14 -3.05 -3.52
C ARG A 11 2.58 -2.60 -3.29
N SEC A 12 2.89 -2.25 -2.04
CA SEC A 12 4.22 -1.80 -1.66
C SEC A 12 5.11 -2.99 -1.32
N GLY A 1 6.24 2.11 -1.88
CA GLY A 1 6.13 3.54 -1.70
C GLY A 1 4.75 3.97 -1.26
N SEC A 2 3.75 3.29 -1.79
CA SEC A 2 2.37 3.55 -1.43
C SEC A 2 1.99 2.57 -0.35
N SEC A 3 2.72 2.59 0.72
CA SEC A 3 2.51 1.62 1.79
C SEC A 3 1.61 2.16 2.90
N SER A 4 0.96 3.27 2.62
CA SER A 4 0.09 3.92 3.61
C SER A 4 -1.41 3.83 3.26
N ASP A 5 -1.82 2.74 2.62
CA ASP A 5 -3.22 2.55 2.24
C ASP A 5 -3.55 1.06 2.17
N PRO A 6 -4.73 0.65 2.63
CA PRO A 6 -5.16 -0.77 2.64
C PRO A 6 -5.00 -1.52 1.32
N ARG A 7 -5.28 -0.86 0.19
CA ARG A 7 -5.15 -1.53 -1.12
C ARG A 7 -3.76 -1.36 -1.68
N SEC A 8 -3.05 -0.52 -1.02
CA SEC A 8 -1.69 -0.19 -1.40
C SEC A 8 -0.72 -1.01 -0.57
N ALA A 9 -1.21 -1.51 0.55
CA ALA A 9 -0.41 -2.34 1.43
C ALA A 9 -0.03 -3.59 0.68
N TRP A 10 -0.94 -4.04 -0.18
CA TRP A 10 -0.69 -5.19 -1.00
C TRP A 10 -0.17 -4.75 -2.37
N ARG A 11 0.51 -3.61 -2.35
CA ARG A 11 1.11 -3.05 -3.55
C ARG A 11 2.57 -2.67 -3.26
N SEC A 12 2.84 -2.29 -2.02
CA SEC A 12 4.17 -1.91 -1.58
C SEC A 12 4.97 -3.15 -1.16
N GLY A 1 6.39 3.00 -2.82
CA GLY A 1 6.28 3.46 -1.45
C GLY A 1 4.86 3.87 -1.11
N SEC A 2 3.89 3.18 -1.69
CA SEC A 2 2.49 3.45 -1.42
C SEC A 2 2.04 2.47 -0.37
N SEC A 3 2.71 2.49 0.75
CA SEC A 3 2.43 1.54 1.81
C SEC A 3 1.50 2.13 2.88
N SER A 4 0.90 3.26 2.57
CA SER A 4 0.03 3.95 3.51
C SER A 4 -1.48 3.81 3.20
N ASP A 5 -1.87 2.73 2.55
CA ASP A 5 -3.30 2.52 2.24
C ASP A 5 -3.57 1.02 2.14
N PRO A 6 -4.73 0.54 2.63
CA PRO A 6 -5.08 -0.89 2.60
C PRO A 6 -4.98 -1.50 1.21
N ARG A 7 -5.31 -0.73 0.19
CA ARG A 7 -5.25 -1.18 -1.20
C ARG A 7 -3.88 -0.95 -1.80
N SEC A 8 -2.99 -0.58 -0.95
CA SEC A 8 -1.64 -0.30 -1.33
C SEC A 8 -0.68 -1.08 -0.45
N ALA A 9 -1.21 -1.63 0.63
CA ALA A 9 -0.41 -2.46 1.53
C ALA A 9 -0.01 -3.69 0.76
N TRP A 10 -0.93 -4.16 -0.07
CA TRP A 10 -0.66 -5.28 -0.94
C TRP A 10 -0.23 -4.77 -2.31
N ARG A 11 0.52 -3.67 -2.27
CA ARG A 11 1.04 -3.03 -3.46
C ARG A 11 2.50 -2.63 -3.21
N SEC A 12 2.80 -2.29 -1.96
CA SEC A 12 4.14 -1.89 -1.55
C SEC A 12 4.97 -3.13 -1.19
N GLY A 1 6.31 2.04 -1.81
CA GLY A 1 6.21 3.48 -1.64
C GLY A 1 4.81 3.92 -1.24
N SEC A 2 3.81 3.23 -1.80
CA SEC A 2 2.43 3.51 -1.48
C SEC A 2 2.01 2.52 -0.43
N SEC A 3 2.70 2.55 0.68
CA SEC A 3 2.45 1.60 1.75
C SEC A 3 1.53 2.16 2.82
N SER A 4 0.90 3.28 2.52
CA SER A 4 0.04 3.96 3.49
C SER A 4 -1.48 3.81 3.20
N ASP A 5 -1.88 2.73 2.55
CA ASP A 5 -3.31 2.50 2.27
C ASP A 5 -3.58 1.00 2.18
N PRO A 6 -4.74 0.52 2.67
CA PRO A 6 -5.11 -0.90 2.63
C PRO A 6 -5.01 -1.51 1.24
N ARG A 7 -5.31 -0.72 0.21
CA ARG A 7 -5.25 -1.19 -1.18
C ARG A 7 -3.90 -0.92 -1.78
N SEC A 8 -2.99 -0.61 -0.93
CA SEC A 8 -1.65 -0.28 -1.31
C SEC A 8 -0.67 -1.07 -0.47
N ALA A 9 -1.17 -1.62 0.64
CA ALA A 9 -0.35 -2.44 1.52
C ALA A 9 0.06 -3.67 0.76
N TRP A 10 -0.85 -4.15 -0.07
CA TRP A 10 -0.56 -5.29 -0.92
C TRP A 10 -0.14 -4.78 -2.29
N ARG A 11 0.52 -3.64 -2.28
CA ARG A 11 1.02 -3.01 -3.50
C ARG A 11 2.47 -2.55 -3.27
N SEC A 12 2.79 -2.20 -2.03
CA SEC A 12 4.13 -1.75 -1.66
C SEC A 12 5.03 -2.94 -1.34
N GLY A 1 6.30 1.58 -1.51
CA GLY A 1 6.32 3.01 -1.26
C GLY A 1 4.94 3.55 -0.97
N SEC A 2 3.95 2.98 -1.65
CA SEC A 2 2.56 3.37 -1.46
C SEC A 2 1.95 2.39 -0.49
N SEC A 3 2.58 2.21 0.63
CA SEC A 3 2.14 1.23 1.59
C SEC A 3 1.23 1.83 2.67
N SER A 4 0.91 3.09 2.49
CA SER A 4 0.07 3.82 3.45
C SER A 4 -1.43 3.77 3.12
N ASP A 5 -1.89 2.67 2.50
CA ASP A 5 -3.30 2.51 2.16
C ASP A 5 -3.66 1.03 2.13
N PRO A 6 -4.85 0.65 2.63
CA PRO A 6 -5.30 -0.75 2.66
C PRO A 6 -5.18 -1.49 1.32
N ARG A 7 -5.36 -0.77 0.22
CA ARG A 7 -5.27 -1.39 -1.11
C ARG A 7 -3.99 -0.99 -1.80
N SEC A 8 -3.04 -0.66 -0.99
CA SEC A 8 -1.75 -0.24 -1.47
C SEC A 8 -0.67 -0.88 -0.59
N ALA A 9 -1.07 -1.30 0.61
CA ALA A 9 -0.17 -1.96 1.53
C ALA A 9 0.35 -3.22 0.87
N TRP A 10 -0.56 -3.97 0.29
CA TRP A 10 -0.18 -5.17 -0.43
C TRP A 10 0.08 -4.84 -1.90
N ARG A 11 0.61 -3.65 -2.11
CA ARG A 11 0.94 -3.18 -3.44
C ARG A 11 2.15 -2.24 -3.40
N SEC A 12 2.77 -2.13 -2.22
CA SEC A 12 3.92 -1.27 -2.03
C SEC A 12 5.22 -2.00 -2.36
N GLY A 1 7.03 3.36 -0.65
CA GLY A 1 6.14 3.47 -1.79
C GLY A 1 4.75 3.87 -1.38
N SEC A 2 3.75 3.16 -1.91
CA SEC A 2 2.37 3.42 -1.58
C SEC A 2 1.98 2.44 -0.50
N SEC A 3 2.71 2.48 0.58
CA SEC A 3 2.49 1.53 1.66
C SEC A 3 1.60 2.10 2.76
N SER A 4 0.97 3.22 2.48
CA SER A 4 0.13 3.90 3.47
C SER A 4 -1.38 3.79 3.17
N ASP A 5 -1.81 2.71 2.54
CA ASP A 5 -3.24 2.52 2.25
C ASP A 5 -3.56 1.03 2.18
N PRO A 6 -4.73 0.59 2.68
CA PRO A 6 -5.13 -0.83 2.66
C PRO A 6 -5.08 -1.45 1.27
N ARG A 7 -5.35 -0.66 0.24
CA ARG A 7 -5.32 -1.13 -1.16
C ARG A 7 -3.98 -0.85 -1.78
N SEC A 8 -3.03 -0.66 -0.92
CA SEC A 8 -1.69 -0.35 -1.32
C SEC A 8 -0.70 -1.13 -0.47
N ALA A 9 -1.18 -1.67 0.65
CA ALA A 9 -0.36 -2.48 1.52
C ALA A 9 0.06 -3.73 0.76
N TRP A 10 -0.88 -4.24 -0.04
CA TRP A 10 -0.60 -5.37 -0.90
C TRP A 10 -0.24 -4.85 -2.28
N ARG A 11 0.48 -3.75 -2.29
CA ARG A 11 0.92 -3.11 -3.52
C ARG A 11 2.36 -2.63 -3.35
N SEC A 12 2.72 -2.28 -2.11
CA SEC A 12 4.06 -1.82 -1.77
C SEC A 12 4.98 -3.01 -1.48
N GLY A 1 7.02 3.38 -0.65
CA GLY A 1 6.12 3.48 -1.79
C GLY A 1 4.72 3.88 -1.39
N SEC A 2 3.74 3.17 -1.91
CA SEC A 2 2.35 3.42 -1.58
C SEC A 2 1.97 2.43 -0.49
N SEC A 3 2.70 2.47 0.59
CA SEC A 3 2.50 1.52 1.67
C SEC A 3 1.60 2.09 2.77
N SER A 4 0.99 3.22 2.50
CA SER A 4 0.15 3.89 3.50
C SER A 4 -1.36 3.79 3.19
N ASP A 5 -1.80 2.73 2.55
CA ASP A 5 -3.22 2.54 2.24
C ASP A 5 -3.54 1.05 2.15
N PRO A 6 -4.72 0.62 2.67
CA PRO A 6 -5.13 -0.80 2.64
C PRO A 6 -5.07 -1.44 1.25
N ARG A 7 -5.35 -0.67 0.22
CA ARG A 7 -5.32 -1.15 -1.16
C ARG A 7 -3.99 -0.89 -1.78
N SEC A 8 -3.04 -0.67 -0.92
CA SEC A 8 -1.71 -0.35 -1.32
C SEC A 8 -0.72 -1.13 -0.47
N ALA A 9 -1.20 -1.67 0.64
CA ALA A 9 -0.36 -2.48 1.52
C ALA A 9 0.06 -3.72 0.75
N TRP A 10 -0.87 -4.24 -0.03
CA TRP A 10 -0.59 -5.36 -0.88
C TRP A 10 -0.24 -4.86 -2.28
N ARG A 11 0.48 -3.75 -2.29
CA ARG A 11 0.92 -3.12 -3.52
C ARG A 11 2.37 -2.64 -3.35
N SEC A 12 2.73 -2.29 -2.11
CA SEC A 12 4.07 -1.83 -1.77
C SEC A 12 4.98 -3.01 -1.48
N GLY A 1 6.32 2.01 -1.45
CA GLY A 1 6.21 3.44 -1.31
C GLY A 1 4.78 3.88 -1.08
N SEC A 2 3.85 3.17 -1.70
CA SEC A 2 2.43 3.46 -1.56
C SEC A 2 1.87 2.56 -0.48
N SEC A 3 2.55 2.54 0.65
CA SEC A 3 2.16 1.68 1.76
C SEC A 3 1.26 2.41 2.75
N SER A 4 0.83 3.59 2.36
CA SER A 4 0.00 4.43 3.21
C SER A 4 -1.50 4.14 3.03
N ASP A 5 -1.83 2.99 2.47
CA ASP A 5 -3.23 2.61 2.28
C ASP A 5 -3.35 1.09 2.29
N PRO A 6 -4.34 0.54 3.00
CA PRO A 6 -4.54 -0.91 3.10
C PRO A 6 -4.72 -1.59 1.75
N ARG A 7 -5.31 -0.88 0.80
CA ARG A 7 -5.50 -1.41 -0.53
C ARG A 7 -4.22 -1.37 -1.29
N SEC A 8 -3.40 -0.39 -0.96
CA SEC A 8 -2.12 -0.21 -1.61
C SEC A 8 -1.05 -1.00 -0.89
N ALA A 9 -1.47 -1.66 0.18
CA ALA A 9 -0.57 -2.47 0.98
C ALA A 9 -0.08 -3.67 0.18
N TRP A 10 -0.86 -4.06 -0.83
CA TRP A 10 -0.47 -5.19 -1.66
C TRP A 10 0.57 -4.70 -2.64
N ARG A 11 0.62 -3.38 -2.80
CA ARG A 11 1.53 -2.75 -3.72
C ARG A 11 2.94 -2.72 -3.12
N SEC A 12 3.00 -2.43 -1.82
CA SEC A 12 4.27 -2.37 -1.10
C SEC A 12 4.65 -3.75 -0.57
N GLY A 1 6.34 3.10 -2.85
CA GLY A 1 6.22 3.52 -1.47
C GLY A 1 4.81 3.91 -1.10
N SEC A 2 3.85 3.21 -1.67
CA SEC A 2 2.45 3.47 -1.39
C SEC A 2 2.02 2.48 -0.32
N SEC A 3 2.73 2.49 0.77
CA SEC A 3 2.48 1.53 1.84
C SEC A 3 1.57 2.10 2.92
N SER A 4 0.98 3.24 2.65
CA SER A 4 0.10 3.90 3.61
C SER A 4 -1.38 3.83 3.25
N ASP A 5 -1.80 2.74 2.61
CA ASP A 5 -3.21 2.57 2.22
C ASP A 5 -3.55 1.08 2.15
N PRO A 6 -4.75 0.69 2.59
CA PRO A 6 -5.21 -0.71 2.61
C PRO A 6 -5.07 -1.47 1.28
N ARG A 7 -5.31 -0.79 0.15
CA ARG A 7 -5.21 -1.46 -1.15
C ARG A 7 -3.83 -1.30 -1.73
N SEC A 8 -3.06 -0.55 -1.03
CA SEC A 8 -1.70 -0.26 -1.40
C SEC A 8 -0.74 -1.07 -0.54
N ALA A 9 -1.26 -1.58 0.57
CA ALA A 9 -0.46 -2.40 1.47
C ALA A 9 -0.07 -3.65 0.71
N TRP A 10 -0.97 -4.09 -0.14
CA TRP A 10 -0.71 -5.24 -0.99
C TRP A 10 -0.20 -4.78 -2.35
N ARG A 11 0.53 -3.67 -2.31
CA ARG A 11 1.11 -3.07 -3.50
C ARG A 11 2.57 -2.70 -3.21
N SEC A 12 2.84 -2.33 -1.96
CA SEC A 12 4.18 -1.97 -1.51
C SEC A 12 4.96 -3.21 -1.10
N GLY A 1 7.19 4.42 -1.76
CA GLY A 1 6.31 3.29 -1.51
C GLY A 1 4.90 3.73 -1.18
N SEC A 2 3.92 3.06 -1.77
CA SEC A 2 2.53 3.36 -1.51
C SEC A 2 2.04 2.39 -0.46
N SEC A 3 2.70 2.40 0.66
CA SEC A 3 2.40 1.47 1.73
C SEC A 3 1.48 2.09 2.78
N SER A 4 0.96 3.25 2.47
CA SER A 4 0.09 3.98 3.41
C SER A 4 -1.42 3.83 3.13
N ASP A 5 -1.84 2.74 2.52
CA ASP A 5 -3.26 2.52 2.24
C ASP A 5 -3.54 1.01 2.18
N PRO A 6 -4.70 0.56 2.69
CA PRO A 6 -5.07 -0.86 2.68
C PRO A 6 -5.03 -1.49 1.28
N ARG A 7 -5.34 -0.69 0.26
CA ARG A 7 -5.32 -1.16 -1.13
C ARG A 7 -3.98 -0.92 -1.76
N SEC A 8 -3.04 -0.63 -0.93
CA SEC A 8 -1.70 -0.35 -1.35
C SEC A 8 -0.73 -1.13 -0.49
N ALA A 9 -1.25 -1.68 0.61
CA ALA A 9 -0.45 -2.50 1.51
C ALA A 9 -0.05 -3.74 0.74
N TRP A 10 -0.97 -4.22 -0.08
CA TRP A 10 -0.70 -5.35 -0.93
C TRP A 10 -0.26 -4.86 -2.31
N ARG A 11 0.41 -3.72 -2.29
CA ARG A 11 0.93 -3.10 -3.50
C ARG A 11 2.39 -2.68 -3.27
N SEC A 12 2.71 -2.35 -2.02
CA SEC A 12 4.06 -1.94 -1.64
C SEC A 12 4.93 -3.16 -1.32
N GLY A 1 6.31 2.20 -1.72
CA GLY A 1 6.12 3.63 -1.58
C GLY A 1 4.70 3.98 -1.22
N SEC A 2 3.75 3.24 -1.78
CA SEC A 2 2.35 3.45 -1.50
C SEC A 2 1.95 2.46 -0.43
N SEC A 3 2.68 2.48 0.65
CA SEC A 3 2.49 1.53 1.74
C SEC A 3 1.59 2.09 2.84
N SER A 4 0.99 3.22 2.59
CA SER A 4 0.13 3.87 3.58
C SER A 4 -1.36 3.82 3.21
N ASP A 5 -1.79 2.74 2.58
CA ASP A 5 -3.19 2.58 2.19
C ASP A 5 -3.57 1.10 2.15
N PRO A 6 -4.78 0.74 2.63
CA PRO A 6 -5.25 -0.65 2.67
C PRO A 6 -5.18 -1.39 1.33
N ARG A 7 -5.42 -0.68 0.23
CA ARG A 7 -5.36 -1.29 -1.10
C ARG A 7 -4.03 -1.00 -1.76
N SEC A 8 -3.09 -0.72 -0.93
CA SEC A 8 -1.76 -0.39 -1.37
C SEC A 8 -0.74 -1.13 -0.50
N ALA A 9 -1.22 -1.68 0.61
CA ALA A 9 -0.36 -2.45 1.49
C ALA A 9 0.11 -3.67 0.73
N TRP A 10 -0.78 -4.19 -0.09
CA TRP A 10 -0.45 -5.31 -0.95
C TRP A 10 -0.06 -4.79 -2.33
N ARG A 11 0.64 -3.67 -2.31
CA ARG A 11 1.11 -3.02 -3.52
C ARG A 11 2.56 -2.56 -3.30
N SEC A 12 2.88 -2.23 -2.06
CA SEC A 12 4.21 -1.79 -1.67
C SEC A 12 5.11 -2.98 -1.36
N GLY A 1 6.33 1.66 -1.46
CA GLY A 1 6.31 3.10 -1.26
C GLY A 1 4.91 3.62 -0.98
N SEC A 2 3.94 3.04 -1.66
CA SEC A 2 2.55 3.41 -1.49
C SEC A 2 1.92 2.44 -0.51
N SEC A 3 2.57 2.27 0.62
CA SEC A 3 2.10 1.30 1.59
C SEC A 3 1.20 1.94 2.66
N SER A 4 0.87 3.20 2.44
CA SER A 4 0.05 3.95 3.38
C SER A 4 -1.46 3.85 3.10
N ASP A 5 -1.89 2.74 2.50
CA ASP A 5 -3.30 2.53 2.20
C ASP A 5 -3.62 1.03 2.18
N PRO A 6 -4.77 0.62 2.70
CA PRO A 6 -5.17 -0.81 2.74
C PRO A 6 -5.09 -1.53 1.39
N ARG A 7 -5.36 -0.82 0.31
CA ARG A 7 -5.31 -1.40 -1.03
C ARG A 7 -4.03 -1.04 -1.74
N SEC A 8 -3.08 -0.65 -0.96
CA SEC A 8 -1.79 -0.25 -1.46
C SEC A 8 -0.70 -0.89 -0.60
N ALA A 9 -1.12 -1.39 0.57
CA ALA A 9 -0.20 -2.07 1.47
C ALA A 9 0.30 -3.30 0.76
N TRP A 10 -0.62 -4.02 0.14
CA TRP A 10 -0.27 -5.18 -0.65
C TRP A 10 0.00 -4.75 -2.08
N ARG A 11 0.62 -3.60 -2.21
CA ARG A 11 0.96 -3.02 -3.50
C ARG A 11 2.31 -2.30 -3.39
N SEC A 12 2.81 -2.15 -2.17
CA SEC A 12 4.08 -1.48 -1.91
C SEC A 12 5.24 -2.47 -2.01
N GLY A 1 6.52 2.88 -2.65
CA GLY A 1 6.34 3.37 -1.29
C GLY A 1 4.91 3.79 -1.03
N SEC A 2 3.97 3.09 -1.65
CA SEC A 2 2.56 3.37 -1.46
C SEC A 2 2.04 2.41 -0.41
N SEC A 3 2.69 2.41 0.73
CA SEC A 3 2.36 1.48 1.79
C SEC A 3 1.42 2.10 2.82
N SER A 4 0.91 3.27 2.51
CA SER A 4 0.04 4.00 3.43
C SER A 4 -1.47 3.85 3.12
N ASP A 5 -1.87 2.75 2.50
CA ASP A 5 -3.29 2.52 2.20
C ASP A 5 -3.58 1.02 2.14
N PRO A 6 -4.74 0.59 2.64
CA PRO A 6 -5.12 -0.84 2.64
C PRO A 6 -5.05 -1.47 1.24
N ARG A 7 -5.33 -0.69 0.21
CA ARG A 7 -5.29 -1.16 -1.17
C ARG A 7 -3.94 -0.91 -1.79
N SEC A 8 -3.01 -0.67 -0.92
CA SEC A 8 -1.67 -0.39 -1.33
C SEC A 8 -0.70 -1.13 -0.42
N ALA A 9 -1.24 -1.71 0.65
CA ALA A 9 -0.43 -2.49 1.57
C ALA A 9 0.03 -3.72 0.81
N TRP A 10 -0.86 -4.23 -0.02
CA TRP A 10 -0.55 -5.34 -0.87
C TRP A 10 -0.16 -4.81 -2.25
N ARG A 11 0.53 -3.68 -2.24
CA ARG A 11 0.97 -3.02 -3.45
C ARG A 11 2.39 -2.44 -3.25
N SEC A 12 2.74 -2.19 -1.99
CA SEC A 12 4.06 -1.65 -1.64
C SEC A 12 5.07 -2.78 -1.48
N GLY A 1 6.39 1.67 -1.39
CA GLY A 1 6.35 3.11 -1.22
C GLY A 1 4.94 3.61 -0.97
N SEC A 2 3.98 3.02 -1.66
CA SEC A 2 2.58 3.39 -1.50
C SEC A 2 1.95 2.42 -0.54
N SEC A 3 2.58 2.26 0.61
CA SEC A 3 2.11 1.29 1.58
C SEC A 3 1.20 1.93 2.63
N SER A 4 0.87 3.19 2.42
CA SER A 4 0.03 3.95 3.35
C SER A 4 -1.46 3.84 3.05
N ASP A 5 -1.90 2.72 2.47
CA ASP A 5 -3.31 2.52 2.17
C ASP A 5 -3.64 1.03 2.17
N PRO A 6 -4.80 0.62 2.70
CA PRO A 6 -5.21 -0.79 2.76
C PRO A 6 -5.16 -1.50 1.40
N ARG A 7 -5.35 -0.77 0.31
CA ARG A 7 -5.31 -1.34 -1.03
C ARG A 7 -4.01 -1.01 -1.72
N SEC A 8 -3.05 -0.67 -0.94
CA SEC A 8 -1.75 -0.31 -1.43
C SEC A 8 -0.69 -0.93 -0.56
N ALA A 9 -1.11 -1.45 0.60
CA ALA A 9 -0.22 -2.12 1.51
C ALA A 9 0.31 -3.35 0.81
N TRP A 10 -0.59 -4.05 0.16
CA TRP A 10 -0.22 -5.21 -0.63
C TRP A 10 0.02 -4.78 -2.07
N ARG A 11 0.60 -3.60 -2.20
CA ARG A 11 0.91 -3.01 -3.49
C ARG A 11 2.23 -2.24 -3.41
N SEC A 12 2.77 -2.11 -2.19
CA SEC A 12 4.01 -1.40 -1.95
C SEC A 12 5.21 -2.34 -2.12
N GLY A 1 6.34 2.08 -1.39
CA GLY A 1 6.15 3.52 -1.31
C GLY A 1 4.71 3.91 -1.08
N SEC A 2 3.80 3.16 -1.70
CA SEC A 2 2.38 3.40 -1.56
C SEC A 2 1.85 2.48 -0.47
N SEC A 3 2.56 2.46 0.65
CA SEC A 3 2.22 1.61 1.77
C SEC A 3 1.33 2.33 2.77
N SER A 4 0.95 3.55 2.42
CA SER A 4 0.11 4.37 3.29
C SER A 4 -1.38 4.14 3.03
N ASP A 5 -1.72 2.97 2.50
CA ASP A 5 -3.11 2.62 2.21
C ASP A 5 -3.28 1.11 2.30
N PRO A 6 -4.38 0.63 2.91
CA PRO A 6 -4.62 -0.80 3.08
C PRO A 6 -4.83 -1.57 1.77
N ARG A 7 -5.42 -0.93 0.79
CA ARG A 7 -5.62 -1.56 -0.50
C ARG A 7 -4.33 -1.50 -1.27
N SEC A 8 -3.55 -0.48 -0.99
CA SEC A 8 -2.28 -0.25 -1.66
C SEC A 8 -1.17 -1.00 -0.93
N ALA A 9 -1.53 -1.60 0.17
CA ALA A 9 -0.60 -2.38 0.98
C ALA A 9 -0.10 -3.58 0.19
N TRP A 10 -0.86 -3.97 -0.82
CA TRP A 10 -0.48 -5.12 -1.64
C TRP A 10 0.53 -4.67 -2.69
N ARG A 11 0.71 -3.35 -2.77
CA ARG A 11 1.63 -2.75 -3.70
C ARG A 11 3.03 -2.70 -3.11
N SEC A 12 3.09 -2.44 -1.81
CA SEC A 12 4.36 -2.37 -1.10
C SEC A 12 4.78 -3.75 -0.59
N GLY A 1 7.32 4.08 -1.33
CA GLY A 1 6.38 2.99 -1.22
C GLY A 1 4.97 3.49 -0.97
N SEC A 2 4.00 2.87 -1.65
CA SEC A 2 2.60 3.24 -1.49
C SEC A 2 1.95 2.27 -0.51
N SEC A 3 2.59 2.11 0.63
CA SEC A 3 2.10 1.14 1.60
C SEC A 3 1.21 1.81 2.65
N SER A 4 0.95 3.08 2.44
CA SER A 4 0.14 3.89 3.37
C SER A 4 -1.37 3.84 3.04
N ASP A 5 -1.82 2.74 2.46
CA ASP A 5 -3.24 2.57 2.11
C ASP A 5 -3.61 1.09 2.14
N PRO A 6 -4.80 0.74 2.68
CA PRO A 6 -5.25 -0.65 2.77
C PRO A 6 -5.19 -1.43 1.45
N ARG A 7 -5.46 -0.75 0.34
CA ARG A 7 -5.44 -1.40 -0.97
C ARG A 7 -4.16 -1.07 -1.71
N SEC A 8 -3.17 -0.71 -0.94
CA SEC A 8 -1.87 -0.36 -1.48
C SEC A 8 -0.79 -0.99 -0.63
N ALA A 9 -1.19 -1.46 0.56
CA ALA A 9 -0.27 -2.13 1.45
C ALA A 9 0.23 -3.37 0.76
N TRP A 10 -0.69 -4.08 0.14
CA TRP A 10 -0.33 -5.26 -0.63
C TRP A 10 -0.04 -4.86 -2.08
N ARG A 11 0.51 -3.66 -2.22
CA ARG A 11 0.87 -3.13 -3.52
C ARG A 11 2.24 -2.43 -3.42
N SEC A 12 2.74 -2.31 -2.18
CA SEC A 12 4.02 -1.67 -1.92
C SEC A 12 5.16 -2.66 -2.05
#